data_7URZ
#
_entry.id   7URZ
#
_cell.length_a   81.343
_cell.length_b   81.343
_cell.length_c   180.042
_cell.angle_alpha   90.000
_cell.angle_beta   90.000
_cell.angle_gamma   90.000
#
_symmetry.space_group_name_H-M   'P 42 21 2'
#
_entity_poly.entity_id   1
_entity_poly.type   'polypeptide(L)'
_entity_poly.pdbx_seq_one_letter_code
;GPHMRKQEIIKTTEQLIEAVNNGDFEAYAKICDPGLTSFEPEALGNLVEGMDFHRFYFENLLAKNSKPIHTTILNPHVHV
IGEDAACIAYIRLTQYIDGQGRPRTSQSEETRVWHRRDGKWQNVHFHCSGAPVAPLQ
;
_entity_poly.pdbx_strand_id   G,A,B,C
#
# COMPACT_ATOMS: atom_id res chain seq x y z
N MET A 4 19.11 -7.12 26.65
CA MET A 4 20.07 -6.41 27.54
C MET A 4 20.95 -5.47 26.68
N ARG A 5 21.86 -6.05 25.89
CA ARG A 5 22.79 -5.31 24.97
C ARG A 5 22.14 -5.13 23.60
N LYS A 6 21.11 -5.94 23.29
CA LYS A 6 20.40 -5.94 21.98
C LYS A 6 19.61 -4.64 21.81
N GLN A 7 19.22 -3.99 22.92
CA GLN A 7 18.39 -2.75 22.92
C GLN A 7 19.15 -1.60 22.26
N GLU A 8 20.49 -1.58 22.38
CA GLU A 8 21.38 -0.56 21.75
C GLU A 8 21.37 -0.73 20.22
N ILE A 9 21.34 -1.98 19.75
CA ILE A 9 21.38 -2.33 18.29
C ILE A 9 20.11 -1.83 17.60
N ILE A 10 18.96 -1.98 18.27
CA ILE A 10 17.62 -1.58 17.74
C ILE A 10 17.54 -0.06 17.64
N LYS A 11 18.11 0.65 18.62
CA LYS A 11 18.12 2.14 18.71
C LYS A 11 18.97 2.72 17.56
N THR A 12 20.15 2.13 17.32
CA THR A 12 21.12 2.57 16.27
C THR A 12 20.52 2.30 14.88
N THR A 13 19.75 1.22 14.73
CA THR A 13 19.05 0.83 13.47
C THR A 13 17.98 1.88 13.15
N GLU A 14 17.25 2.36 14.16
CA GLU A 14 16.20 3.41 14.02
C GLU A 14 16.84 4.71 13.53
N GLN A 15 17.97 5.11 14.12
CA GLN A 15 18.73 6.33 13.74
C GLN A 15 19.05 6.29 12.24
N LEU A 16 19.58 5.15 11.77
CA LEU A 16 19.95 4.91 10.35
C LEU A 16 18.70 5.07 9.47
N ILE A 17 17.63 4.34 9.81
CA ILE A 17 16.32 4.36 9.09
C ILE A 17 15.81 5.81 9.04
N GLU A 18 15.85 6.53 10.16
CA GLU A 18 15.38 7.94 10.28
C GLU A 18 16.21 8.84 9.36
N ALA A 19 17.51 8.56 9.23
CA ALA A 19 18.45 9.32 8.35
C ALA A 19 18.00 9.19 6.89
N VAL A 20 17.48 8.01 6.50
CA VAL A 20 17.01 7.71 5.12
C VAL A 20 15.67 8.41 4.88
N ASN A 21 14.75 8.32 5.85
CA ASN A 21 13.38 8.91 5.78
C ASN A 21 13.47 10.44 5.77
N ASN A 22 14.38 11.00 6.57
CA ASN A 22 14.62 12.47 6.69
C ASN A 22 15.46 12.95 5.50
N GLY A 23 16.30 12.06 4.93
CA GLY A 23 17.14 12.36 3.75
C GLY A 23 18.43 13.05 4.13
N ASP A 24 18.92 12.81 5.35
CA ASP A 24 20.19 13.38 5.88
C ASP A 24 21.30 12.34 5.72
N PHE A 25 22.13 12.48 4.68
CA PHE A 25 23.19 11.51 4.29
C PHE A 25 24.32 11.50 5.33
N GLU A 26 24.74 12.67 5.82
CA GLU A 26 25.88 12.83 6.76
C GLU A 26 25.66 11.93 7.99
N ALA A 27 24.41 11.80 8.46
CA ALA A 27 24.00 10.93 9.58
C ALA A 27 24.09 9.46 9.15
N TYR A 28 23.61 9.15 7.94
CA TYR A 28 23.66 7.80 7.32
C TYR A 28 25.11 7.36 7.15
N ALA A 29 25.95 8.25 6.61
CA ALA A 29 27.39 8.03 6.32
C ALA A 29 28.14 7.69 7.61
N LYS A 30 27.82 8.37 8.72
CA LYS A 30 28.45 8.17 10.06
C LYS A 30 28.12 6.76 10.58
N ILE A 31 26.84 6.37 10.52
CA ILE A 31 26.31 5.11 11.13
C ILE A 31 26.73 3.91 10.26
N CYS A 32 26.97 4.12 8.97
CA CYS A 32 27.39 3.08 7.99
C CYS A 32 28.92 3.02 7.91
N ASP A 33 29.47 1.83 7.64
CA ASP A 33 30.92 1.58 7.43
C ASP A 33 31.27 1.93 5.98
N PRO A 34 32.19 2.88 5.73
CA PRO A 34 32.60 3.25 4.36
C PRO A 34 32.78 2.06 3.42
N GLY A 35 33.29 0.93 3.92
CA GLY A 35 33.36 -0.36 3.22
C GLY A 35 32.10 -1.19 3.43
N LEU A 36 30.95 -0.67 2.98
CA LEU A 36 29.60 -1.28 3.18
C LEU A 36 29.26 -2.15 1.98
N THR A 37 28.85 -3.41 2.22
CA THR A 37 28.22 -4.31 1.23
C THR A 37 26.70 -4.27 1.47
N SER A 38 25.90 -4.61 0.45
CA SER A 38 24.41 -4.55 0.52
C SER A 38 23.75 -5.26 -0.66
N PHE A 39 22.91 -6.25 -0.37
CA PHE A 39 21.86 -6.81 -1.28
C PHE A 39 20.55 -6.06 -1.03
N GLU A 40 19.98 -5.43 -2.06
CA GLU A 40 18.67 -4.73 -1.98
C GLU A 40 17.97 -4.82 -3.32
N PRO A 41 16.62 -4.66 -3.38
CA PRO A 41 15.86 -4.84 -4.62
C PRO A 41 16.28 -3.87 -5.74
N GLU A 42 16.83 -2.70 -5.37
CA GLU A 42 17.28 -1.64 -6.30
C GLU A 42 18.55 -2.09 -7.03
N ALA A 43 19.33 -3.00 -6.41
CA ALA A 43 20.64 -3.48 -6.90
C ALA A 43 20.46 -4.54 -8.00
N LEU A 44 19.25 -5.07 -8.18
CA LEU A 44 18.89 -6.08 -9.20
C LEU A 44 19.70 -7.36 -8.96
N GLY A 45 19.75 -7.82 -7.71
CA GLY A 45 20.37 -9.09 -7.29
C GLY A 45 21.89 -9.04 -7.30
N ASN A 46 22.47 -7.83 -7.21
CA ASN A 46 23.94 -7.62 -7.13
C ASN A 46 24.29 -7.06 -5.74
N LEU A 47 25.53 -7.26 -5.31
CA LEU A 47 26.07 -6.77 -4.01
C LEU A 47 26.79 -5.42 -4.25
N VAL A 48 26.14 -4.31 -3.89
CA VAL A 48 26.67 -2.93 -4.09
C VAL A 48 27.84 -2.71 -3.12
N GLU A 49 28.84 -1.92 -3.51
CA GLU A 49 30.16 -1.85 -2.82
C GLU A 49 30.30 -0.59 -1.96
N GLY A 50 29.59 0.49 -2.26
CA GLY A 50 29.90 1.83 -1.73
C GLY A 50 28.73 2.51 -1.03
N MET A 51 28.99 3.69 -0.45
CA MET A 51 27.96 4.72 -0.11
C MET A 51 27.43 5.28 -1.42
N ASP A 52 28.34 5.55 -2.36
CA ASP A 52 28.13 6.23 -3.67
C ASP A 52 26.81 5.78 -4.30
N PHE A 53 26.48 4.48 -4.23
CA PHE A 53 25.22 3.89 -4.77
C PHE A 53 24.02 4.52 -4.08
N HIS A 54 24.07 4.63 -2.76
CA HIS A 54 22.97 5.15 -1.88
C HIS A 54 22.84 6.67 -2.04
N ARG A 55 23.97 7.38 -2.10
CA ARG A 55 24.05 8.87 -2.24
C ARG A 55 23.04 9.35 -3.30
N PHE A 56 22.97 8.65 -4.44
CA PHE A 56 22.05 8.96 -5.57
C PHE A 56 20.63 9.22 -5.04
N TYR A 57 20.12 8.33 -4.18
CA TYR A 57 18.72 8.34 -3.67
C TYR A 57 18.53 9.51 -2.69
N PHE A 58 19.56 9.84 -1.91
CA PHE A 58 19.56 10.98 -0.96
C PHE A 58 19.55 12.30 -1.74
N GLU A 59 20.54 12.49 -2.63
CA GLU A 59 20.77 13.76 -3.37
C GLU A 59 19.59 14.05 -4.31
N ASN A 60 18.99 12.99 -4.88
CA ASN A 60 17.76 13.04 -5.71
C ASN A 60 16.58 12.51 -4.88
N LYS A 67 7.73 13.34 0.92
CA LYS A 67 6.36 12.77 1.09
C LYS A 67 6.20 12.22 2.51
N PRO A 68 5.06 12.48 3.18
CA PRO A 68 4.85 12.00 4.55
C PRO A 68 4.90 10.47 4.67
N ILE A 69 5.95 9.94 5.32
CA ILE A 69 6.17 8.47 5.53
C ILE A 69 6.45 8.21 7.01
N HIS A 70 6.18 6.98 7.48
CA HIS A 70 6.47 6.49 8.85
C HIS A 70 6.84 5.00 8.81
N THR A 71 8.10 4.69 9.13
CA THR A 71 8.66 3.31 9.18
C THR A 71 8.38 2.71 10.57
N THR A 72 8.02 1.43 10.60
CA THR A 72 7.81 0.63 11.84
C THR A 72 8.70 -0.62 11.78
N ILE A 73 9.44 -0.89 12.85
CA ILE A 73 10.43 -2.02 12.95
C ILE A 73 9.80 -3.14 13.79
N LEU A 74 9.31 -4.20 13.13
CA LEU A 74 8.52 -5.29 13.76
C LEU A 74 9.38 -6.55 13.92
N ASN A 75 9.14 -7.30 15.01
CA ASN A 75 9.75 -8.61 15.32
C ASN A 75 11.27 -8.54 15.12
N PRO A 76 12.00 -7.69 15.87
CA PRO A 76 13.46 -7.68 15.83
C PRO A 76 14.04 -8.97 16.45
N HIS A 77 15.24 -9.38 16.01
CA HIS A 77 15.97 -10.56 16.52
C HIS A 77 17.48 -10.29 16.40
N VAL A 78 18.08 -9.74 17.45
CA VAL A 78 19.52 -9.34 17.52
C VAL A 78 20.35 -10.53 17.99
N HIS A 79 21.30 -10.99 17.16
CA HIS A 79 22.34 -12.00 17.51
C HIS A 79 23.62 -11.27 17.87
N VAL A 80 23.93 -11.17 19.17
CA VAL A 80 25.15 -10.48 19.70
C VAL A 80 26.32 -11.48 19.63
N ILE A 81 27.45 -11.05 19.06
CA ILE A 81 28.70 -11.84 18.93
C ILE A 81 29.87 -11.01 19.50
N GLY A 82 30.57 -11.53 20.50
CA GLY A 82 31.71 -10.86 21.16
C GLY A 82 31.29 -9.59 21.87
N GLU A 83 32.19 -8.60 21.92
CA GLU A 83 31.96 -7.29 22.60
C GLU A 83 31.49 -6.24 21.58
N ASP A 84 32.00 -6.31 20.34
CA ASP A 84 31.79 -5.27 19.30
C ASP A 84 31.34 -5.95 17.99
N ALA A 85 30.21 -6.66 18.01
CA ALA A 85 29.57 -7.28 16.83
C ALA A 85 28.13 -7.69 17.15
N ALA A 86 27.20 -7.42 16.23
CA ALA A 86 25.76 -7.73 16.36
C ALA A 86 25.15 -7.96 14.97
N CYS A 87 24.09 -8.77 14.90
CA CYS A 87 23.33 -9.10 13.67
C CYS A 87 21.82 -9.03 13.97
N ILE A 88 21.19 -7.90 13.61
CA ILE A 88 19.71 -7.68 13.76
C ILE A 88 19.02 -8.13 12.48
N ALA A 89 17.92 -8.88 12.62
CA ALA A 89 17.04 -9.37 11.54
C ALA A 89 15.60 -8.96 11.85
N TYR A 90 15.12 -7.89 11.21
CA TYR A 90 13.82 -7.24 11.49
C TYR A 90 12.99 -7.10 10.21
N ILE A 91 11.71 -6.72 10.35
CA ILE A 91 10.77 -6.45 9.23
C ILE A 91 10.52 -4.94 9.17
N ARG A 92 10.51 -4.38 7.96
CA ARG A 92 10.36 -2.92 7.67
C ARG A 92 8.98 -2.67 7.07
N LEU A 93 8.00 -2.33 7.91
CA LEU A 93 6.65 -1.87 7.49
C LEU A 93 6.68 -0.35 7.28
N THR A 94 6.86 0.08 6.04
CA THR A 94 6.93 1.51 5.64
C THR A 94 5.56 1.99 5.19
N GLN A 95 4.96 2.92 5.94
CA GLN A 95 3.65 3.56 5.61
C GLN A 95 3.94 4.88 4.90
N TYR A 96 3.31 5.12 3.74
CA TYR A 96 3.49 6.33 2.90
C TYR A 96 2.17 6.66 2.18
N ILE A 97 2.15 7.77 1.44
CA ILE A 97 0.98 8.25 0.64
C ILE A 97 1.42 8.37 -0.83
N ASP A 98 0.71 7.68 -1.74
CA ASP A 98 1.05 7.62 -3.18
C ASP A 98 0.69 8.96 -3.84
N GLY A 99 1.11 9.15 -5.10
CA GLY A 99 0.86 10.36 -5.90
C GLY A 99 -0.62 10.66 -6.05
N GLN A 100 -1.45 9.61 -6.14
CA GLN A 100 -2.93 9.70 -6.25
C GLN A 100 -3.51 10.30 -4.97
N GLY A 101 -2.84 10.09 -3.83
CA GLY A 101 -3.20 10.69 -2.52
C GLY A 101 -3.65 9.63 -1.50
N ARG A 102 -3.78 8.37 -1.93
CA ARG A 102 -4.22 7.23 -1.08
C ARG A 102 -3.05 6.73 -0.24
N PRO A 103 -3.29 6.26 1.01
CA PRO A 103 -2.22 5.73 1.85
C PRO A 103 -1.89 4.27 1.51
N ARG A 104 -0.59 3.94 1.48
CA ARG A 104 -0.08 2.59 1.12
C ARG A 104 0.94 2.12 2.17
N THR A 105 0.98 0.81 2.42
CA THR A 105 1.98 0.12 3.29
C THR A 105 2.79 -0.83 2.42
N SER A 106 4.10 -0.94 2.68
CA SER A 106 5.05 -1.83 1.96
C SER A 106 5.93 -2.57 2.97
N GLN A 107 5.94 -3.92 2.88
CA GLN A 107 6.75 -4.81 3.75
C GLN A 107 8.09 -5.11 3.07
N SER A 108 9.17 -5.14 3.84
CA SER A 108 10.54 -5.50 3.40
C SER A 108 11.30 -6.16 4.55
N GLU A 109 11.88 -7.34 4.31
CA GLU A 109 12.65 -8.13 5.31
C GLU A 109 14.11 -7.70 5.24
N GLU A 110 14.66 -7.19 6.35
CA GLU A 110 16.03 -6.60 6.40
C GLU A 110 16.91 -7.35 7.41
N THR A 111 18.18 -7.54 7.05
CA THR A 111 19.27 -8.05 7.93
C THR A 111 20.43 -7.05 7.88
N ARG A 112 20.81 -6.49 9.02
CA ARG A 112 21.92 -5.52 9.17
C ARG A 112 22.96 -6.10 10.14
N VAL A 113 24.20 -6.29 9.67
CA VAL A 113 25.36 -6.77 10.48
C VAL A 113 26.12 -5.54 10.98
N TRP A 114 26.29 -5.42 12.31
CA TRP A 114 26.84 -4.24 13.01
C TRP A 114 28.22 -4.55 13.61
N HIS A 115 29.07 -3.53 13.71
CA HIS A 115 30.45 -3.59 14.25
C HIS A 115 30.74 -2.29 15.00
N ARG A 116 30.90 -2.37 16.33
CA ARG A 116 31.18 -1.19 17.20
C ARG A 116 32.64 -0.76 17.01
N ARG A 117 32.85 0.45 16.46
CA ARG A 117 34.18 1.05 16.19
C ARG A 117 34.27 2.41 16.92
N ASP A 118 35.29 2.57 17.76
CA ASP A 118 35.57 3.76 18.61
C ASP A 118 34.25 4.36 19.12
N GLY A 119 33.45 3.56 19.82
CA GLY A 119 32.23 4.00 20.51
C GLY A 119 30.96 3.68 19.74
N LYS A 120 30.69 4.42 18.65
CA LYS A 120 29.45 4.32 17.85
C LYS A 120 29.44 3.00 17.05
N TRP A 121 28.24 2.48 16.75
CA TRP A 121 28.02 1.23 15.97
C TRP A 121 28.08 1.55 14.47
N GLN A 122 28.89 0.80 13.72
CA GLN A 122 29.06 0.93 12.24
C GLN A 122 28.35 -0.24 11.56
N ASN A 123 27.67 0.03 10.43
CA ASN A 123 26.92 -0.97 9.62
C ASN A 123 27.82 -1.45 8.48
N VAL A 124 28.24 -2.73 8.51
CA VAL A 124 29.22 -3.33 7.56
C VAL A 124 28.48 -4.00 6.39
N HIS A 125 27.33 -4.63 6.64
CA HIS A 125 26.48 -5.30 5.62
C HIS A 125 25.00 -5.03 5.90
N PHE A 126 24.19 -5.03 4.84
CA PHE A 126 22.73 -4.71 4.88
C PHE A 126 22.00 -5.49 3.76
N HIS A 127 21.14 -6.43 4.15
CA HIS A 127 20.26 -7.23 3.22
C HIS A 127 18.84 -6.66 3.28
N CYS A 128 18.13 -6.66 2.15
CA CYS A 128 16.74 -6.17 2.01
C CYS A 128 15.97 -7.01 0.97
N SER A 129 14.95 -7.75 1.41
CA SER A 129 13.98 -8.48 0.56
C SER A 129 12.67 -7.69 0.49
N GLY A 130 11.81 -8.00 -0.49
CA GLY A 130 10.49 -7.38 -0.67
C GLY A 130 10.57 -6.05 -1.41
N ALA A 131 9.90 -5.02 -0.90
CA ALA A 131 9.70 -3.71 -1.57
C ALA A 131 10.88 -2.79 -1.28
N PRO A 132 11.33 -2.00 -2.29
CA PRO A 132 12.36 -0.99 -2.07
C PRO A 132 11.78 0.29 -1.47
N VAL A 133 12.52 0.89 -0.52
CA VAL A 133 12.05 2.02 0.34
C VAL A 133 12.88 3.29 0.04
N ALA A 134 13.13 3.57 -1.24
CA ALA A 134 13.86 4.76 -1.73
C ALA A 134 12.87 5.77 -2.31
N ARG B 5 -23.44 -7.77 31.13
CA ARG B 5 -22.13 -7.03 31.19
C ARG B 5 -21.62 -6.77 29.76
N LYS B 6 -22.08 -7.57 28.79
CA LYS B 6 -21.63 -7.54 27.37
C LYS B 6 -22.04 -6.23 26.70
N GLN B 7 -23.13 -5.60 27.17
CA GLN B 7 -23.71 -4.36 26.59
C GLN B 7 -22.71 -3.20 26.72
N GLU B 8 -21.90 -3.19 27.78
CA GLU B 8 -20.85 -2.16 28.03
C GLU B 8 -19.73 -2.28 26.99
N ILE B 9 -19.38 -3.53 26.63
CA ILE B 9 -18.26 -3.85 25.68
C ILE B 9 -18.62 -3.34 24.28
N ILE B 10 -19.88 -3.49 23.87
CA ILE B 10 -20.40 -3.08 22.53
C ILE B 10 -20.40 -1.56 22.43
N LYS B 11 -20.75 -0.86 23.52
CA LYS B 11 -20.82 0.62 23.60
C LYS B 11 -19.42 1.21 23.48
N THR B 12 -18.44 0.63 24.18
CA THR B 12 -17.02 1.08 24.20
C THR B 12 -16.38 0.86 22.81
N THR B 13 -16.77 -0.22 22.13
CA THR B 13 -16.30 -0.58 20.76
C THR B 13 -16.78 0.48 19.76
N GLU B 14 -18.04 0.92 19.90
CA GLU B 14 -18.66 1.97 19.04
C GLU B 14 -17.88 3.28 19.19
N GLN B 15 -17.57 3.68 20.44
CA GLN B 15 -16.79 4.90 20.77
C GLN B 15 -15.47 4.89 20.01
N LEU B 16 -14.74 3.77 20.08
CA LEU B 16 -13.44 3.56 19.40
C LEU B 16 -13.62 3.72 17.88
N ILE B 17 -14.58 2.99 17.31
CA ILE B 17 -14.91 3.02 15.85
C ILE B 17 -15.22 4.47 15.44
N GLU B 18 -16.05 5.16 16.23
CA GLU B 18 -16.48 6.57 15.96
C GLU B 18 -15.25 7.49 15.99
N ALA B 19 -14.29 7.22 16.86
CA ALA B 19 -13.02 7.99 17.01
C ALA B 19 -12.23 7.89 15.70
N VAL B 20 -12.27 6.72 15.03
CA VAL B 20 -11.53 6.44 13.76
C VAL B 20 -12.26 7.15 12.59
N ASN B 21 -13.59 7.04 12.55
CA ASN B 21 -14.45 7.63 11.49
C ASN B 21 -14.41 9.16 11.58
N ASN B 22 -14.42 9.71 12.80
CA ASN B 22 -14.36 11.17 13.08
C ASN B 22 -12.92 11.67 12.93
N GLY B 23 -11.93 10.80 13.16
CA GLY B 23 -10.49 11.11 13.02
C GLY B 23 -9.93 11.80 14.25
N ASP B 24 -10.53 11.54 15.42
CA ASP B 24 -10.09 12.10 16.74
C ASP B 24 -9.22 11.05 17.45
N PHE B 25 -7.88 11.24 17.40
CA PHE B 25 -6.88 10.27 17.91
C PHE B 25 -6.91 10.25 19.45
N GLU B 26 -7.02 11.41 20.09
CA GLU B 26 -6.99 11.56 21.58
C GLU B 26 -8.03 10.62 22.21
N ALA B 27 -9.20 10.47 21.58
CA ALA B 27 -10.29 9.57 22.02
C ALA B 27 -9.88 8.11 21.78
N TYR B 28 -9.29 7.82 20.61
CA TYR B 28 -8.76 6.49 20.21
C TYR B 28 -7.65 6.07 21.18
N ALA B 29 -6.71 6.98 21.46
CA ALA B 29 -5.54 6.76 22.33
C ALA B 29 -5.99 6.38 23.75
N LYS B 30 -7.05 7.04 24.25
CA LYS B 30 -7.61 6.80 25.62
C LYS B 30 -8.19 5.39 25.69
N ILE B 31 -8.99 4.99 24.70
CA ILE B 31 -9.78 3.73 24.69
C ILE B 31 -8.84 2.54 24.40
N CYS B 32 -7.71 2.78 23.71
CA CYS B 32 -6.69 1.76 23.36
C CYS B 32 -5.60 1.70 24.43
N ASP B 33 -5.01 0.51 24.63
CA ASP B 33 -3.88 0.27 25.56
C ASP B 33 -2.58 0.65 24.85
N PRO B 34 -1.78 1.61 25.39
CA PRO B 34 -0.51 1.99 24.78
C PRO B 34 0.33 0.82 24.26
N GLY B 35 0.31 -0.33 24.96
CA GLY B 35 0.91 -1.60 24.53
C GLY B 35 -0.08 -2.43 23.73
N LEU B 36 -0.53 -1.90 22.58
CA LEU B 36 -1.56 -2.50 21.70
C LEU B 36 -0.88 -3.37 20.62
N THR B 37 -1.33 -4.62 20.47
CA THR B 37 -1.01 -5.50 19.32
C THR B 37 -2.19 -5.48 18.35
N SER B 38 -1.97 -5.79 17.07
CA SER B 38 -3.02 -5.72 16.01
C SER B 38 -2.57 -6.41 14.73
N PHE B 39 -3.35 -7.41 14.28
CA PHE B 39 -3.36 -7.95 12.88
C PHE B 39 -4.43 -7.19 12.09
N GLU B 40 -4.05 -6.54 10.99
CA GLU B 40 -5.00 -5.84 10.08
C GLU B 40 -4.47 -5.88 8.65
N PRO B 41 -5.33 -5.71 7.62
CA PRO B 41 -4.90 -5.84 6.22
C PRO B 41 -3.80 -4.84 5.82
N GLU B 42 -3.73 -3.69 6.50
CA GLU B 42 -2.73 -2.62 6.25
C GLU B 42 -1.35 -3.07 6.71
N ALA B 43 -1.27 -4.00 7.67
CA ALA B 43 -0.03 -4.48 8.30
C ALA B 43 0.68 -5.52 7.42
N LEU B 44 0.00 -6.03 6.38
CA LEU B 44 0.53 -7.03 5.41
C LEU B 44 0.90 -8.32 6.15
N GLY B 45 0.00 -8.80 7.00
CA GLY B 45 0.11 -10.09 7.71
C GLY B 45 1.13 -10.07 8.84
N ASN B 46 1.45 -8.87 9.36
CA ASN B 46 2.38 -8.67 10.52
C ASN B 46 1.58 -8.14 11.70
N LEU B 47 2.09 -8.35 12.92
CA LEU B 47 1.50 -7.89 14.20
C LEU B 47 2.14 -6.55 14.58
N VAL B 48 1.44 -5.44 14.37
CA VAL B 48 1.94 -4.05 14.66
C VAL B 48 1.98 -3.88 16.19
N GLU B 49 2.93 -3.08 16.69
CA GLU B 49 3.29 -3.00 18.14
C GLU B 49 2.56 -1.84 18.85
N GLY B 50 1.81 -1.00 18.12
CA GLY B 50 0.76 -0.14 18.71
C GLY B 50 0.92 1.34 18.39
N MET B 51 -0.11 2.11 18.75
CA MET B 51 -0.36 3.55 18.47
C MET B 51 0.34 4.11 17.21
N ASP B 52 1.65 4.36 17.27
CA ASP B 52 2.46 5.08 16.25
C ASP B 52 2.06 4.66 14.83
N PHE B 53 1.80 3.37 14.60
CA PHE B 53 1.38 2.80 13.29
C PHE B 53 0.05 3.44 12.86
N HIS B 54 -0.90 3.52 13.79
CA HIS B 54 -2.28 4.02 13.55
C HIS B 54 -2.27 5.54 13.39
N ARG B 55 -1.48 6.25 14.22
CA ARG B 55 -1.34 7.73 14.21
C ARG B 55 -1.22 8.25 12.77
N PHE B 56 -0.41 7.58 11.95
CA PHE B 56 -0.16 7.92 10.51
C PHE B 56 -1.48 8.19 9.80
N TYR B 57 -2.46 7.29 9.95
CA TYR B 57 -3.77 7.31 9.24
C TYR B 57 -4.65 8.46 9.76
N PHE B 58 -4.56 8.75 11.07
CA PHE B 58 -5.28 9.87 11.72
C PHE B 58 -4.72 11.21 11.24
N GLU B 59 -3.41 11.41 11.41
CA GLU B 59 -2.69 12.69 11.14
C GLU B 59 -2.75 13.01 9.64
N ASN B 60 -2.71 11.98 8.79
CA ASN B 60 -2.88 12.07 7.32
C ASN B 60 -4.28 11.55 6.94
N PRO B 68 -17.97 10.91 2.95
CA PRO B 68 -19.16 10.48 3.68
C PRO B 68 -19.20 8.95 3.86
N ILE B 69 -19.06 8.49 5.11
CA ILE B 69 -19.07 7.04 5.49
C ILE B 69 -20.05 6.82 6.64
N HIS B 70 -20.55 5.59 6.79
CA HIS B 70 -21.33 5.11 7.96
C HIS B 70 -21.01 3.64 8.25
N THR B 71 -20.37 3.37 9.39
CA THR B 71 -20.00 2.00 9.88
C THR B 71 -21.19 1.38 10.64
N THR B 72 -21.44 0.09 10.43
CA THR B 72 -22.50 -0.70 11.12
C THR B 72 -21.85 -1.94 11.75
N ILE B 73 -22.16 -2.22 13.02
CA ILE B 73 -21.59 -3.35 13.83
C ILE B 73 -22.64 -4.46 13.91
N LEU B 74 -22.48 -5.52 13.10
CA LEU B 74 -23.47 -6.62 12.96
C LEU B 74 -23.00 -7.87 13.72
N ASN B 75 -23.96 -8.62 14.29
CA ASN B 75 -23.77 -9.94 14.93
C ASN B 75 -22.60 -9.88 15.91
N PRO B 76 -22.67 -9.04 16.98
CA PRO B 76 -21.66 -9.06 18.04
C PRO B 76 -21.74 -10.36 18.85
N HIS B 77 -20.61 -10.78 19.45
CA HIS B 77 -20.49 -11.98 20.31
C HIS B 77 -19.40 -11.74 21.36
N VAL B 78 -19.78 -11.21 22.53
CA VAL B 78 -18.87 -10.82 23.64
C VAL B 78 -18.65 -12.03 24.56
N HIS B 79 -17.40 -12.47 24.70
CA HIS B 79 -16.95 -13.50 25.67
C HIS B 79 -16.35 -12.79 26.89
N VAL B 80 -17.11 -12.71 27.99
CA VAL B 80 -16.71 -12.05 29.27
C VAL B 80 -15.86 -13.04 30.08
N ILE B 81 -14.67 -12.61 30.53
CA ILE B 81 -13.73 -13.40 31.37
C ILE B 81 -13.38 -12.60 32.62
N GLY B 82 -13.66 -13.15 33.81
CA GLY B 82 -13.40 -12.50 35.11
C GLY B 82 -14.23 -11.24 35.29
N GLU B 83 -13.69 -10.25 36.01
CA GLU B 83 -14.35 -8.95 36.31
C GLU B 83 -13.91 -7.88 35.30
N ASP B 84 -12.65 -7.93 34.86
CA ASP B 84 -12.01 -6.87 34.02
C ASP B 84 -11.33 -7.52 32.80
N ALA B 85 -12.09 -8.22 31.97
CA ALA B 85 -11.64 -8.82 30.69
C ALA B 85 -12.84 -9.23 29.83
N ALA B 86 -12.78 -8.92 28.52
CA ALA B 86 -13.84 -9.23 27.54
C ALA B 86 -13.22 -9.42 26.14
N CYS B 87 -13.87 -10.23 25.29
CA CYS B 87 -13.47 -10.53 23.90
C CYS B 87 -14.69 -10.45 22.98
N ILE B 88 -14.87 -9.30 22.30
CA ILE B 88 -15.97 -9.08 21.31
C ILE B 88 -15.48 -9.51 19.92
N ALA B 89 -16.31 -10.26 19.19
CA ALA B 89 -16.08 -10.72 17.80
C ALA B 89 -17.28 -10.32 16.94
N TYR B 90 -17.14 -9.24 16.17
CA TYR B 90 -18.23 -8.57 15.40
C TYR B 90 -17.82 -8.42 13.93
N ILE B 91 -18.77 -8.05 13.07
CA ILE B 91 -18.57 -7.77 11.63
C ILE B 91 -18.69 -6.25 11.39
N ARG B 92 -17.80 -5.70 10.57
CA ARG B 92 -17.71 -4.24 10.25
C ARG B 92 -18.20 -4.02 8.82
N LEU B 93 -19.49 -3.70 8.65
CA LEU B 93 -20.09 -3.26 7.35
C LEU B 93 -19.91 -1.75 7.23
N THR B 94 -18.87 -1.31 6.50
CA THR B 94 -18.55 0.13 6.27
C THR B 94 -19.17 0.55 4.92
N GLN B 95 -20.13 1.48 4.98
CA GLN B 95 -20.79 2.09 3.80
C GLN B 95 -20.08 3.40 3.46
N TYR B 96 -19.72 3.58 2.19
CA TYR B 96 -19.02 4.78 1.65
C TYR B 96 -19.46 5.04 0.21
N ILE B 97 -18.97 6.13 -0.39
CA ILE B 97 -19.29 6.56 -1.79
C ILE B 97 -17.98 6.64 -2.58
N ASP B 98 -17.89 5.91 -3.71
CA ASP B 98 -16.66 5.84 -4.56
C ASP B 98 -16.50 7.15 -5.33
N GLY B 99 -15.34 7.34 -5.98
CA GLY B 99 -14.99 8.53 -6.78
C GLY B 99 -15.99 8.78 -7.89
N GLN B 100 -16.53 7.71 -8.48
CA GLN B 100 -17.55 7.76 -9.57
C GLN B 100 -18.86 8.37 -9.03
N GLY B 101 -19.12 8.21 -7.73
CA GLY B 101 -20.28 8.81 -7.02
C GLY B 101 -21.29 7.76 -6.54
N ARG B 102 -21.08 6.49 -6.91
CA ARG B 102 -21.98 5.35 -6.55
C ARG B 102 -21.67 4.90 -5.12
N PRO B 103 -22.68 4.43 -4.35
CA PRO B 103 -22.45 3.94 -2.99
C PRO B 103 -21.94 2.50 -2.97
N ARG B 104 -20.97 2.21 -2.09
CA ARG B 104 -20.30 0.89 -1.96
C ARG B 104 -20.29 0.47 -0.49
N THR B 105 -20.35 -0.85 -0.24
CA THR B 105 -20.22 -1.48 1.10
C THR B 105 -18.96 -2.36 1.09
N SER B 106 -18.24 -2.40 2.22
CA SER B 106 -17.04 -3.26 2.45
C SER B 106 -17.19 -3.99 3.80
N GLN B 107 -17.10 -5.32 3.77
CA GLN B 107 -17.20 -6.20 4.95
C GLN B 107 -15.80 -6.46 5.49
N SER B 108 -15.64 -6.48 6.82
CA SER B 108 -14.40 -6.82 7.54
C SER B 108 -14.73 -7.45 8.89
N GLU B 109 -14.15 -8.63 9.17
CA GLU B 109 -14.37 -9.42 10.41
C GLU B 109 -13.35 -8.96 11.46
N GLU B 110 -13.82 -8.46 12.61
CA GLU B 110 -12.96 -7.86 13.66
C GLU B 110 -13.12 -8.64 14.97
N THR B 111 -12.00 -8.82 15.68
CA THR B 111 -11.92 -9.34 17.07
C THR B 111 -11.12 -8.35 17.92
N ARG B 112 -11.74 -7.81 18.97
CA ARG B 112 -11.09 -6.85 19.92
C ARG B 112 -11.12 -7.44 21.33
N VAL B 113 -9.94 -7.64 21.93
CA VAL B 113 -9.76 -8.13 23.32
C VAL B 113 -9.64 -6.91 24.24
N TRP B 114 -10.51 -6.84 25.26
CA TRP B 114 -10.69 -5.67 26.16
C TRP B 114 -10.20 -6.01 27.57
N HIS B 115 -9.71 -4.99 28.29
CA HIS B 115 -9.18 -5.08 29.69
C HIS B 115 -9.56 -3.80 30.43
N ARG B 116 -10.44 -3.90 31.45
CA ARG B 116 -10.91 -2.74 32.25
C ARG B 116 -9.80 -2.32 33.22
N ARG B 117 -9.26 -1.12 33.02
CA ARG B 117 -8.15 -0.52 33.82
C ARG B 117 -8.61 0.82 34.39
N ASP B 118 -8.53 0.98 35.72
CA ASP B 118 -8.96 2.16 36.50
C ASP B 118 -10.24 2.76 35.90
N GLY B 119 -11.30 1.95 35.78
CA GLY B 119 -12.65 2.38 35.37
C GLY B 119 -12.94 2.07 33.91
N LYS B 120 -12.35 2.84 32.99
CA LYS B 120 -12.60 2.76 31.52
C LYS B 120 -12.01 1.45 30.95
N TRP B 121 -12.59 0.95 29.87
CA TRP B 121 -12.15 -0.28 29.14
C TRP B 121 -11.01 0.07 28.18
N GLN B 122 -9.90 -0.66 28.26
CA GLN B 122 -8.69 -0.50 27.40
C GLN B 122 -8.65 -1.64 26.38
N ASN B 123 -8.27 -1.35 25.13
CA ASN B 123 -8.16 -2.32 24.02
C ASN B 123 -6.70 -2.79 23.91
N VAL B 124 -6.43 -4.06 24.22
CA VAL B 124 -5.05 -4.65 24.31
C VAL B 124 -4.67 -5.28 22.96
N HIS B 125 -5.62 -5.92 22.27
CA HIS B 125 -5.42 -6.57 20.95
C HIS B 125 -6.61 -6.29 20.03
N PHE B 126 -6.38 -6.27 18.71
CA PHE B 126 -7.38 -5.95 17.66
C PHE B 126 -7.03 -6.72 16.38
N HIS B 127 -7.88 -7.66 15.96
CA HIS B 127 -7.77 -8.44 14.70
C HIS B 127 -8.76 -7.88 13.67
N CYS B 128 -8.39 -7.87 12.39
CA CYS B 128 -9.22 -7.38 11.26
C CYS B 128 -8.94 -8.20 9.99
N SER B 129 -9.94 -8.96 9.52
CA SER B 129 -9.94 -9.70 8.23
C SER B 129 -10.78 -8.94 7.20
N GLY B 130 -10.61 -9.25 5.91
CA GLY B 130 -11.38 -8.67 4.80
C GLY B 130 -10.79 -7.35 4.34
N ARG C 5 -58.04 -7.34 3.25
CA ARG C 5 -57.27 -8.46 3.87
C ARG C 5 -55.81 -8.37 3.39
N LYS C 6 -55.44 -9.19 2.39
CA LYS C 6 -54.11 -9.16 1.72
C LYS C 6 -53.94 -7.85 0.93
N GLN C 7 -55.05 -7.23 0.50
CA GLN C 7 -55.07 -5.99 -0.32
C GLN C 7 -54.46 -4.83 0.46
N GLU C 8 -54.62 -4.82 1.80
CA GLU C 8 -54.05 -3.78 2.70
C GLU C 8 -52.51 -3.90 2.73
N ILE C 9 -51.99 -5.13 2.70
CA ILE C 9 -50.54 -5.44 2.81
C ILE C 9 -49.82 -4.93 1.54
N ILE C 10 -50.45 -5.08 0.37
CA ILE C 10 -49.90 -4.68 -0.95
C ILE C 10 -49.85 -3.15 -1.04
N LYS C 11 -50.87 -2.47 -0.48
CA LYS C 11 -50.99 -0.99 -0.48
C LYS C 11 -49.89 -0.37 0.40
N THR C 12 -49.66 -0.95 1.58
CA THR C 12 -48.64 -0.49 2.57
C THR C 12 -47.23 -0.71 2.02
N THR C 13 -47.03 -1.79 1.25
CA THR C 13 -45.75 -2.15 0.58
C THR C 13 -45.41 -1.09 -0.47
N GLU C 14 -46.42 -0.64 -1.24
CA GLU C 14 -46.30 0.41 -2.28
C GLU C 14 -45.85 1.73 -1.62
N GLN C 15 -46.48 2.11 -0.51
CA GLN C 15 -46.16 3.34 0.27
C GLN C 15 -44.66 3.34 0.63
N LEU C 16 -44.17 2.22 1.17
CA LEU C 16 -42.76 2.02 1.57
C LEU C 16 -41.86 2.20 0.34
N ILE C 17 -42.15 1.46 -0.74
CA ILE C 17 -41.41 1.50 -2.04
C ILE C 17 -41.37 2.95 -2.54
N GLU C 18 -42.52 3.64 -2.52
CA GLU C 18 -42.66 5.04 -3.00
C GLU C 18 -41.79 5.97 -2.15
N ALA C 19 -41.68 5.70 -0.85
CA ALA C 19 -40.84 6.47 0.10
C ALA C 19 -39.37 6.38 -0.32
N VAL C 20 -38.93 5.22 -0.83
CA VAL C 20 -37.53 4.95 -1.27
C VAL C 20 -37.29 5.64 -2.62
N ASN C 21 -38.24 5.53 -3.55
CA ASN C 21 -38.17 6.13 -4.92
C ASN C 21 -38.20 7.66 -4.83
N ASN C 22 -39.03 8.20 -3.92
CA ASN C 22 -39.18 9.67 -3.68
C ASN C 22 -38.00 10.17 -2.83
N GLY C 23 -37.43 9.29 -1.99
CA GLY C 23 -36.27 9.60 -1.12
C GLY C 23 -36.69 10.29 0.17
N ASP C 24 -37.92 10.04 0.63
CA ASP C 24 -38.50 10.60 1.88
C ASP C 24 -38.33 9.55 3.00
N PHE C 25 -37.33 9.73 3.86
CA PHE C 25 -36.95 8.77 4.92
C PHE C 25 -38.01 8.74 6.03
N GLU C 26 -38.54 9.91 6.42
CA GLU C 26 -39.52 10.05 7.53
C GLU C 26 -40.71 9.10 7.29
N ALA C 27 -41.14 8.95 6.03
CA ALA C 27 -42.23 8.05 5.60
C ALA C 27 -41.76 6.59 5.71
N TYR C 28 -40.53 6.32 5.26
CA TYR C 28 -39.87 4.99 5.32
C TYR C 28 -39.73 4.56 6.79
N ALA C 29 -39.23 5.46 7.64
CA ALA C 29 -38.97 5.25 9.08
C ALA C 29 -40.27 4.87 9.80
N LYS C 30 -41.38 5.52 9.44
CA LYS C 30 -42.73 5.28 10.04
C LYS C 30 -43.20 3.86 9.71
N ILE C 31 -43.11 3.47 8.43
CA ILE C 31 -43.67 2.19 7.89
C ILE C 31 -42.78 1.02 8.31
N CYS C 32 -41.49 1.26 8.59
CA CYS C 32 -40.50 0.24 9.04
C CYS C 32 -40.45 0.18 10.57
N ASP C 33 -40.16 -1.00 11.12
CA ASP C 33 -39.98 -1.25 12.57
C ASP C 33 -38.56 -0.87 12.96
N PRO C 34 -38.34 0.09 13.89
CA PRO C 34 -37.00 0.47 14.33
C PRO C 34 -36.03 -0.71 14.53
N GLY C 35 -36.53 -1.84 15.02
CA GLY C 35 -35.80 -3.12 15.12
C GLY C 35 -35.97 -3.95 13.87
N LEU C 36 -35.51 -3.43 12.73
CA LEU C 36 -35.66 -4.05 11.38
C LEU C 36 -34.43 -4.90 11.07
N THR C 37 -34.64 -6.15 10.65
CA THR C 37 -33.61 -7.04 10.04
C THR C 37 -33.80 -7.01 8.52
N SER C 38 -32.75 -7.33 7.75
CA SER C 38 -32.80 -7.27 6.27
C SER C 38 -31.58 -7.95 5.63
N PHE C 39 -31.84 -8.94 4.77
CA PHE C 39 -30.90 -9.48 3.75
C PHE C 39 -31.13 -8.73 2.44
N GLU C 40 -30.10 -8.07 1.90
CA GLU C 40 -30.16 -7.36 0.59
C GLU C 40 -28.78 -7.41 -0.07
N PRO C 41 -28.70 -7.22 -1.41
CA PRO C 41 -27.43 -7.36 -2.13
C PRO C 41 -26.34 -6.37 -1.66
N GLU C 42 -26.77 -5.22 -1.12
CA GLU C 42 -25.89 -4.13 -0.62
C GLU C 42 -25.20 -4.57 0.68
N ALA C 43 -25.81 -5.51 1.42
CA ALA C 43 -25.35 -5.98 2.74
C ALA C 43 -24.21 -7.01 2.60
N LEU C 44 -23.97 -7.51 1.39
CA LEU C 44 -22.88 -8.47 1.07
C LEU C 44 -23.09 -9.77 1.86
N GLY C 45 -24.32 -10.30 1.86
CA GLY C 45 -24.69 -11.60 2.45
C GLY C 45 -24.74 -11.56 3.97
N ASN C 46 -24.92 -10.36 4.55
CA ASN C 46 -25.07 -10.16 6.02
C ASN C 46 -26.50 -9.67 6.31
N LEU C 47 -26.97 -9.90 7.54
CA LEU C 47 -28.29 -9.43 8.05
C LEU C 47 -28.09 -8.10 8.77
N VAL C 48 -28.45 -6.98 8.13
CA VAL C 48 -28.27 -5.60 8.69
C VAL C 48 -29.28 -5.41 9.84
N GLU C 49 -28.88 -4.68 10.89
CA GLU C 49 -29.73 -4.29 12.03
C GLU C 49 -29.84 -2.77 12.02
N GLY C 50 -31.05 -2.23 11.79
CA GLY C 50 -31.34 -0.80 11.97
C GLY C 50 -31.85 -0.10 10.72
N MET C 51 -32.38 1.11 10.90
CA MET C 51 -32.63 2.11 9.84
C MET C 51 -31.27 2.65 9.39
N ASP C 52 -30.37 2.88 10.35
CA ASP C 52 -29.07 3.59 10.19
C ASP C 52 -28.37 3.17 8.89
N PHE C 53 -28.41 1.89 8.54
CA PHE C 53 -27.80 1.31 7.32
C PHE C 53 -28.45 1.95 6.09
N HIS C 54 -29.79 2.03 6.09
CA HIS C 54 -30.62 2.51 4.96
C HIS C 54 -30.50 4.05 4.84
N ARG C 55 -30.50 4.75 5.98
CA ARG C 55 -30.40 6.24 6.06
C ARG C 55 -29.31 6.75 5.10
N PHE C 56 -28.16 6.08 5.07
CA PHE C 56 -26.99 6.42 4.21
C PHE C 56 -27.45 6.68 2.77
N TYR C 57 -28.27 5.77 2.22
CA TYR C 57 -28.72 5.76 0.79
C TYR C 57 -29.71 6.90 0.56
N PHE C 58 -30.55 7.22 1.55
CA PHE C 58 -31.53 8.34 1.51
C PHE C 58 -30.78 9.68 1.54
N GLU C 59 -29.94 9.89 2.57
CA GLU C 59 -29.24 11.18 2.85
C GLU C 59 -28.25 11.51 1.72
N ASN C 60 -27.50 10.53 1.22
CA ASN C 60 -26.39 10.74 0.25
C ASN C 60 -26.93 10.80 -1.19
N LEU C 61 -28.23 10.60 -1.38
CA LEU C 61 -28.93 10.79 -2.68
C LEU C 61 -28.88 12.29 -3.05
N LEU C 62 -28.20 12.61 -4.15
CA LEU C 62 -28.11 13.99 -4.72
C LEU C 62 -29.25 14.19 -5.73
N ALA C 63 -29.70 15.44 -5.88
CA ALA C 63 -30.76 15.86 -6.83
C ALA C 63 -30.24 15.77 -8.28
N LYS C 64 -28.93 15.91 -8.47
CA LYS C 64 -28.25 15.83 -9.80
C LYS C 64 -28.37 14.41 -10.37
N ASN C 65 -28.38 13.39 -9.49
CA ASN C 65 -28.44 11.96 -9.87
C ASN C 65 -29.90 11.46 -9.84
N SER C 66 -30.85 12.32 -9.49
CA SER C 66 -32.31 12.00 -9.41
C SER C 66 -32.85 11.71 -10.81
N LYS C 67 -33.26 10.46 -11.07
CA LYS C 67 -33.69 9.94 -12.40
C LYS C 67 -35.18 9.57 -12.33
N PRO C 68 -35.97 9.84 -13.39
CA PRO C 68 -37.34 9.32 -13.50
C PRO C 68 -37.40 7.78 -13.42
N ILE C 69 -37.97 7.24 -12.34
CA ILE C 69 -38.10 5.77 -12.09
C ILE C 69 -39.55 5.43 -11.76
N HIS C 70 -39.96 4.18 -12.02
CA HIS C 70 -41.31 3.64 -11.74
C HIS C 70 -41.21 2.15 -11.39
N THR C 71 -41.50 1.81 -10.13
CA THR C 71 -41.50 0.42 -9.60
C THR C 71 -42.86 -0.23 -9.86
N THR C 72 -42.84 -1.52 -10.24
CA THR C 72 -44.05 -2.36 -10.47
C THR C 72 -43.93 -3.62 -9.60
N ILE C 73 -45.00 -3.94 -8.86
CA ILE C 73 -45.08 -5.08 -7.90
C ILE C 73 -45.86 -6.22 -8.55
N LEU C 74 -45.16 -7.24 -9.07
CA LEU C 74 -45.73 -8.33 -9.88
C LEU C 74 -45.84 -9.62 -9.06
N ASN C 75 -46.90 -10.39 -9.32
CA ASN C 75 -47.18 -11.72 -8.71
C ASN C 75 -47.00 -11.65 -7.20
N PRO C 76 -47.79 -10.82 -6.48
CA PRO C 76 -47.76 -10.82 -5.01
C PRO C 76 -48.36 -12.12 -4.46
N HIS C 77 -47.92 -12.51 -3.26
CA HIS C 77 -48.42 -13.70 -2.51
C HIS C 77 -48.35 -13.40 -1.01
N VAL C 78 -49.44 -12.86 -0.44
CA VAL C 78 -49.54 -12.44 0.98
C VAL C 78 -50.01 -13.64 1.82
N HIS C 79 -49.18 -14.07 2.78
CA HIS C 79 -49.52 -15.09 3.81
C HIS C 79 -49.93 -14.37 5.10
N VAL C 80 -51.23 -14.30 5.37
CA VAL C 80 -51.83 -13.61 6.56
C VAL C 80 -51.76 -14.59 7.75
N ILE C 81 -51.22 -14.13 8.89
CA ILE C 81 -51.13 -14.91 10.16
C ILE C 81 -51.75 -14.08 11.29
N GLY C 82 -52.78 -14.61 11.95
CA GLY C 82 -53.49 -13.95 13.06
C GLY C 82 -54.20 -12.68 12.60
N GLU C 83 -54.31 -11.69 13.48
CA GLU C 83 -55.00 -10.39 13.23
C GLU C 83 -53.97 -9.33 12.79
N ASP C 84 -52.75 -9.38 13.35
CA ASP C 84 -51.71 -8.34 13.18
C ASP C 84 -50.38 -8.99 12.78
N ALA C 85 -50.36 -9.70 11.64
CA ALA C 85 -49.15 -10.31 11.04
C ALA C 85 -49.43 -10.73 9.59
N ALA C 86 -48.50 -10.44 8.67
CA ALA C 86 -48.58 -10.78 7.23
C ALA C 86 -47.17 -10.97 6.65
N CYS C 87 -47.05 -11.79 5.60
CA CYS C 87 -45.79 -12.08 4.87
C CYS C 87 -46.06 -12.01 3.35
N ILE C 88 -45.72 -10.87 2.73
CA ILE C 88 -45.84 -10.67 1.25
C ILE C 88 -44.52 -11.10 0.58
N ALA C 89 -44.63 -11.86 -0.51
CA ALA C 89 -43.50 -12.34 -1.35
C ALA C 89 -43.79 -11.97 -2.81
N TYR C 90 -43.16 -10.89 -3.28
CA TYR C 90 -43.46 -10.23 -4.58
C TYR C 90 -42.16 -10.06 -5.39
N ILE C 91 -42.30 -9.69 -6.67
CA ILE C 91 -41.17 -9.35 -7.58
C ILE C 91 -41.17 -7.84 -7.81
N ARG C 92 -39.98 -7.22 -7.79
CA ARG C 92 -39.77 -5.76 -7.93
C ARG C 92 -39.16 -5.47 -9.30
N LEU C 93 -40.00 -5.16 -10.29
CA LEU C 93 -39.59 -4.68 -11.63
C LEU C 93 -39.45 -3.15 -11.58
N THR C 94 -38.22 -2.66 -11.39
CA THR C 94 -37.90 -1.21 -11.30
C THR C 94 -37.46 -0.71 -12.69
N GLN C 95 -38.25 0.19 -13.28
CA GLN C 95 -37.97 0.83 -14.58
C GLN C 95 -37.32 2.19 -14.30
N TYR C 96 -36.19 2.48 -14.95
CA TYR C 96 -35.41 3.74 -14.79
C TYR C 96 -34.73 4.10 -16.12
N ILE C 97 -34.07 5.25 -16.13
CA ILE C 97 -33.31 5.79 -17.31
C ILE C 97 -31.86 6.00 -16.88
N ASP C 98 -30.91 5.37 -17.57
CA ASP C 98 -29.47 5.40 -17.25
C ASP C 98 -28.89 6.78 -17.62
N GLY C 99 -27.65 7.05 -17.20
CA GLY C 99 -26.94 8.31 -17.45
C GLY C 99 -26.81 8.61 -18.94
N GLN C 100 -26.65 7.56 -19.76
CA GLN C 100 -26.55 7.65 -21.24
C GLN C 100 -27.88 8.17 -21.82
N GLY C 101 -29.00 7.89 -21.15
CA GLY C 101 -30.34 8.40 -21.51
C GLY C 101 -31.29 7.29 -21.95
N ARG C 102 -30.78 6.05 -22.07
CA ARG C 102 -31.56 4.86 -22.51
C ARG C 102 -32.37 4.31 -21.33
N PRO C 103 -33.59 3.77 -21.56
CA PRO C 103 -34.41 3.20 -20.50
C PRO C 103 -33.98 1.75 -20.16
N ARG C 104 -33.92 1.40 -18.87
CA ARG C 104 -33.47 0.08 -18.37
C ARG C 104 -34.48 -0.45 -17.34
N THR C 105 -34.65 -1.77 -17.28
CA THR C 105 -35.47 -2.50 -16.27
C THR C 105 -34.55 -3.40 -15.44
N SER C 106 -34.82 -3.52 -14.14
CA SER C 106 -34.05 -4.37 -13.19
C SER C 106 -35.01 -5.17 -12.31
N GLN C 107 -34.86 -6.50 -12.29
CA GLN C 107 -35.70 -7.44 -11.50
C GLN C 107 -35.02 -7.70 -10.15
N SER C 108 -35.81 -7.78 -9.08
CA SER C 108 -35.38 -8.16 -7.71
C SER C 108 -36.52 -8.87 -6.97
N GLU C 109 -36.23 -10.05 -6.40
CA GLU C 109 -37.22 -10.88 -5.66
C GLU C 109 -37.19 -10.47 -4.17
N GLU C 110 -38.33 -10.01 -3.65
CA GLU C 110 -38.43 -9.42 -2.28
C GLU C 110 -39.42 -10.21 -1.42
N THR C 111 -39.10 -10.38 -0.14
CA THR C 111 -39.98 -10.91 0.93
C THR C 111 -39.98 -9.91 2.08
N ARG C 112 -41.16 -9.37 2.44
CA ARG C 112 -41.35 -8.40 3.55
C ARG C 112 -42.33 -8.99 4.56
N VAL C 113 -41.88 -9.18 5.81
CA VAL C 113 -42.71 -9.67 6.95
C VAL C 113 -43.27 -8.45 7.69
N TRP C 114 -44.59 -8.37 7.83
CA TRP C 114 -45.34 -7.20 8.36
C TRP C 114 -45.95 -7.52 9.73
N HIS C 115 -46.09 -6.51 10.59
CA HIS C 115 -46.66 -6.58 11.96
C HIS C 115 -47.45 -5.30 12.24
N ARG C 116 -48.78 -5.39 12.37
CA ARG C 116 -49.67 -4.22 12.63
C ARG C 116 -49.52 -3.79 14.09
N ARG C 117 -48.98 -2.59 14.31
CA ARG C 117 -48.70 -2.01 15.65
C ARG C 117 -49.38 -0.63 15.74
N ASP C 118 -50.20 -0.44 16.77
CA ASP C 118 -51.00 0.80 17.06
C ASP C 118 -51.53 1.38 15.73
N GLY C 119 -52.26 0.57 14.96
CA GLY C 119 -52.98 1.01 13.74
C GLY C 119 -52.23 0.63 12.48
N LYS C 120 -51.16 1.38 12.17
CA LYS C 120 -50.38 1.27 10.91
C LYS C 120 -49.57 -0.05 10.91
N TRP C 121 -49.27 -0.57 9.71
CA TRP C 121 -48.44 -1.79 9.50
C TRP C 121 -46.95 -1.44 9.58
N GLN C 122 -46.20 -2.18 10.41
CA GLN C 122 -44.73 -2.01 10.60
C GLN C 122 -44.00 -3.17 9.90
N ASN C 123 -42.87 -2.87 9.25
CA ASN C 123 -42.03 -3.85 8.53
C ASN C 123 -40.88 -4.32 9.46
N VAL C 124 -40.90 -5.59 9.86
CA VAL C 124 -39.98 -6.17 10.88
C VAL C 124 -38.78 -6.81 10.17
N HIS C 125 -38.99 -7.46 9.02
CA HIS C 125 -37.93 -8.11 8.19
C HIS C 125 -38.17 -7.84 6.70
N PHE C 126 -37.09 -7.82 5.91
CA PHE C 126 -37.10 -7.51 4.46
C PHE C 126 -35.96 -8.25 3.76
N HIS C 127 -36.30 -9.20 2.88
CA HIS C 127 -35.34 -9.97 2.03
C HIS C 127 -35.36 -9.40 0.60
N CYS C 128 -34.21 -9.38 -0.09
CA CYS C 128 -34.06 -8.87 -1.47
C CYS C 128 -32.98 -9.68 -2.21
N SER C 129 -33.38 -10.40 -3.27
CA SER C 129 -32.48 -11.08 -4.25
C SER C 129 -32.43 -10.25 -5.54
N GLY C 130 -31.42 -10.51 -6.38
CA GLY C 130 -31.25 -9.85 -7.70
C GLY C 130 -30.56 -8.50 -7.57
N ALA C 131 -31.10 -7.47 -8.24
CA ALA C 131 -30.52 -6.11 -8.37
C ALA C 131 -30.86 -5.26 -7.15
N PRO C 132 -29.92 -4.44 -6.64
CA PRO C 132 -30.22 -3.43 -5.63
C PRO C 132 -30.90 -2.22 -6.29
N VAL C 133 -32.14 -1.92 -5.89
CA VAL C 133 -33.10 -1.07 -6.67
C VAL C 133 -33.41 0.23 -5.90
N ALA C 134 -32.41 0.80 -5.22
CA ALA C 134 -32.51 2.07 -4.46
C ALA C 134 -31.84 3.19 -5.26
N PRO C 135 -32.49 4.35 -5.45
CA PRO C 135 -31.90 5.44 -6.24
C PRO C 135 -30.54 5.88 -5.69
N LEU C 136 -29.47 5.18 -6.10
CA LEU C 136 -28.06 5.43 -5.70
C LEU C 136 -27.18 4.26 -6.16
N MET D 4 46.53 -5.32 -7.70
CA MET D 4 47.82 -4.59 -7.75
C MET D 4 47.83 -3.66 -8.98
N ARG D 5 47.94 -4.23 -10.19
CA ARG D 5 47.93 -3.48 -11.48
C ARG D 5 46.49 -3.35 -12.00
N LYS D 6 45.58 -4.19 -11.50
CA LYS D 6 44.15 -4.24 -11.91
C LYS D 6 43.43 -2.96 -11.48
N GLN D 7 43.92 -2.29 -10.42
CA GLN D 7 43.29 -1.07 -9.84
C GLN D 7 43.32 0.08 -10.85
N GLU D 8 44.34 0.13 -11.72
CA GLU D 8 44.49 1.15 -12.78
C GLU D 8 43.41 0.95 -13.86
N ILE D 9 43.10 -0.31 -14.17
CA ILE D 9 42.11 -0.70 -15.24
C ILE D 9 40.71 -0.25 -14.81
N ILE D 10 40.37 -0.40 -13.54
CA ILE D 10 39.03 -0.05 -12.96
C ILE D 10 38.86 1.47 -12.97
N LYS D 11 39.93 2.21 -12.70
CA LYS D 11 39.94 3.71 -12.64
C LYS D 11 39.72 4.28 -14.05
N THR D 12 40.40 3.71 -15.05
CA THR D 12 40.32 4.14 -16.48
C THR D 12 38.93 3.83 -17.04
N THR D 13 38.31 2.72 -16.60
CA THR D 13 36.95 2.29 -16.99
C THR D 13 35.92 3.31 -16.48
N GLU D 14 36.10 3.79 -15.25
CA GLU D 14 35.23 4.82 -14.60
C GLU D 14 35.29 6.11 -15.40
N GLN D 15 36.49 6.56 -15.79
CA GLN D 15 36.73 7.78 -16.60
C GLN D 15 35.89 7.71 -17.89
N LEU D 16 35.98 6.58 -18.59
CA LEU D 16 35.24 6.31 -19.86
C LEU D 16 33.73 6.42 -19.60
N ILE D 17 33.24 5.67 -18.60
CA ILE D 17 31.80 5.64 -18.18
C ILE D 17 31.35 7.07 -17.86
N GLU D 18 32.15 7.82 -17.09
CA GLU D 18 31.84 9.21 -16.67
C GLU D 18 31.75 10.12 -17.90
N ALA D 19 32.59 9.88 -18.91
CA ALA D 19 32.59 10.63 -20.20
C ALA D 19 31.24 10.45 -20.91
N VAL D 20 30.64 9.26 -20.82
CA VAL D 20 29.34 8.91 -21.45
C VAL D 20 28.20 9.56 -20.66
N ASN D 21 28.25 9.48 -19.33
CA ASN D 21 27.22 10.04 -18.40
C ASN D 21 27.24 11.57 -18.48
N ASN D 22 28.42 12.17 -18.56
CA ASN D 22 28.63 13.64 -18.66
C ASN D 22 28.35 14.11 -20.10
N GLY D 23 28.55 13.23 -21.09
CA GLY D 23 28.29 13.51 -22.51
C GLY D 23 29.45 14.24 -23.17
N ASP D 24 30.66 14.06 -22.66
CA ASP D 24 31.92 14.67 -23.19
C ASP D 24 32.61 13.64 -24.08
N PHE D 25 32.47 13.79 -25.40
CA PHE D 25 32.97 12.83 -26.42
C PHE D 25 34.50 12.87 -26.49
N GLU D 26 35.09 14.07 -26.45
CA GLU D 26 36.56 14.29 -26.58
C GLU D 26 37.31 13.42 -25.57
N ALA D 27 36.77 13.26 -24.36
CA ALA D 27 37.31 12.40 -23.27
C ALA D 27 37.12 10.93 -23.64
N TYR D 28 35.93 10.57 -24.15
CA TYR D 28 35.57 9.21 -24.62
C TYR D 28 36.50 8.81 -25.77
N ALA D 29 36.68 9.70 -26.75
CA ALA D 29 37.49 9.51 -27.97
C ALA D 29 38.95 9.22 -27.59
N LYS D 30 39.47 9.92 -26.58
CA LYS D 30 40.87 9.77 -26.08
C LYS D 30 41.07 8.38 -25.48
N ILE D 31 40.13 7.95 -24.61
CA ILE D 31 40.24 6.70 -23.80
C ILE D 31 39.97 5.48 -24.70
N CYS D 32 39.21 5.66 -25.79
CA CYS D 32 38.85 4.60 -26.78
C CYS D 32 39.88 4.58 -27.92
N ASP D 33 40.12 3.39 -28.49
CA ASP D 33 41.01 3.18 -29.66
C ASP D 33 40.22 3.49 -30.94
N PRO D 34 40.66 4.47 -31.77
CA PRO D 34 39.96 4.79 -33.03
C PRO D 34 39.47 3.57 -33.82
N GLY D 35 40.24 2.48 -33.81
CA GLY D 35 39.85 1.17 -34.36
C GLY D 35 39.15 0.31 -33.32
N LEU D 36 38.00 0.78 -32.81
CA LEU D 36 37.21 0.15 -31.72
C LEU D 36 36.15 -0.78 -32.33
N THR D 37 36.08 -2.03 -31.86
CA THR D 37 34.96 -2.99 -32.12
C THR D 37 34.05 -2.99 -30.89
N SER D 38 32.79 -3.37 -31.03
CA SER D 38 31.79 -3.33 -29.93
C SER D 38 30.51 -4.10 -30.30
N PHE D 39 30.16 -5.10 -29.50
CA PHE D 39 28.80 -5.71 -29.40
C PHE D 39 28.03 -4.99 -28.29
N GLU D 40 26.87 -4.40 -28.63
CA GLU D 40 25.98 -3.73 -27.64
C GLU D 40 24.52 -3.87 -28.11
N PRO D 41 23.53 -3.73 -27.20
CA PRO D 41 22.13 -3.96 -27.54
C PRO D 41 21.60 -3.03 -28.65
N GLU D 42 22.21 -1.84 -28.78
CA GLU D 42 21.83 -0.79 -29.77
C GLU D 42 22.24 -1.24 -31.17
N ALA D 43 23.26 -2.11 -31.28
CA ALA D 43 23.86 -2.58 -32.55
C ALA D 43 23.00 -3.68 -33.19
N LEU D 44 22.03 -4.24 -32.47
CA LEU D 44 21.09 -5.28 -32.96
C LEU D 44 21.88 -6.54 -33.38
N GLY D 45 22.80 -6.98 -32.51
CA GLY D 45 23.57 -8.22 -32.67
C GLY D 45 24.65 -8.12 -33.74
N ASN D 46 25.10 -6.91 -34.06
CA ASN D 46 26.19 -6.64 -35.03
C ASN D 46 27.39 -6.05 -34.27
N LEU D 47 28.59 -6.20 -34.83
CA LEU D 47 29.86 -5.66 -34.30
C LEU D 47 30.14 -4.31 -34.98
N VAL D 48 29.89 -3.20 -34.27
CA VAL D 48 30.05 -1.81 -34.81
C VAL D 48 31.55 -1.53 -34.96
N GLU D 49 31.91 -0.73 -35.97
CA GLU D 49 33.29 -0.26 -36.26
C GLU D 49 33.70 0.84 -35.28
N GLY D 50 34.76 1.60 -35.59
CA GLY D 50 35.43 2.49 -34.62
C GLY D 50 34.79 3.85 -34.61
N MET D 51 34.25 4.26 -33.45
CA MET D 51 33.65 5.61 -33.20
C MET D 51 32.50 5.82 -34.20
N ASP D 52 32.11 7.07 -34.51
CA ASP D 52 31.07 7.47 -35.48
C ASP D 52 29.70 6.95 -35.06
N PHE D 53 29.55 5.65 -34.78
CA PHE D 53 28.30 5.00 -34.29
C PHE D 53 27.90 5.62 -32.95
N HIS D 54 28.88 5.77 -32.04
CA HIS D 54 28.69 6.27 -30.66
C HIS D 54 28.43 7.79 -30.67
N ARG D 55 29.17 8.53 -31.51
CA ARG D 55 29.05 10.01 -31.66
C ARG D 55 27.58 10.44 -31.71
N PHE D 56 26.75 9.70 -32.46
CA PHE D 56 25.31 9.94 -32.63
C PHE D 56 24.64 10.19 -31.27
N TYR D 57 24.91 9.32 -30.29
CA TYR D 57 24.28 9.30 -28.95
C TYR D 57 24.78 10.49 -28.11
N PHE D 58 26.05 10.87 -28.27
CA PHE D 58 26.67 12.05 -27.60
C PHE D 58 26.05 13.35 -28.16
N GLU D 59 26.14 13.53 -29.48
CA GLU D 59 25.76 14.78 -30.20
C GLU D 59 24.25 15.03 -30.08
N ASN D 60 23.41 14.00 -30.20
CA ASN D 60 21.93 14.15 -30.28
C ASN D 60 21.32 14.19 -28.88
N LEU D 61 22.14 14.07 -27.82
CA LEU D 61 21.73 14.28 -26.41
C LEU D 61 21.33 15.74 -26.22
N LEU D 62 20.04 16.01 -25.95
CA LEU D 62 19.48 17.36 -25.70
C LEU D 62 19.51 17.65 -24.19
N ALA D 63 19.61 18.92 -23.80
CA ALA D 63 19.70 19.38 -22.39
C ALA D 63 18.35 19.21 -21.69
N LYS D 64 17.24 19.26 -22.45
CA LYS D 64 15.84 19.09 -21.95
C LYS D 64 15.66 17.66 -21.42
N ASN D 65 16.33 16.68 -22.03
CA ASN D 65 16.22 15.23 -21.70
C ASN D 65 17.33 14.82 -20.72
N SER D 66 18.20 15.76 -20.32
CA SER D 66 19.35 15.53 -19.41
C SER D 66 18.84 15.17 -18.01
N LYS D 67 19.07 13.93 -17.57
CA LYS D 67 18.52 13.36 -16.31
C LYS D 67 19.67 13.08 -15.33
N PRO D 68 19.48 13.38 -14.02
CA PRO D 68 20.44 12.95 -12.98
C PRO D 68 20.64 11.42 -12.97
N ILE D 69 21.83 10.95 -13.34
CA ILE D 69 22.18 9.49 -13.39
C ILE D 69 23.48 9.25 -12.62
N HIS D 70 23.66 8.03 -12.12
CA HIS D 70 24.86 7.58 -11.35
C HIS D 70 25.12 6.09 -11.63
N THR D 71 26.22 5.79 -12.32
CA THR D 71 26.68 4.42 -12.66
C THR D 71 27.50 3.84 -11.51
N THR D 72 27.29 2.56 -11.20
CA THR D 72 28.05 1.78 -10.19
C THR D 72 28.65 0.55 -10.86
N ILE D 73 29.95 0.30 -10.65
CA ILE D 73 30.74 -0.81 -11.26
C ILE D 73 30.92 -1.92 -10.23
N LEU D 74 30.12 -2.99 -10.32
CA LEU D 74 30.05 -4.07 -9.30
C LEU D 74 30.77 -5.32 -9.80
N ASN D 75 31.40 -6.05 -8.87
CA ASN D 75 32.09 -7.35 -9.09
C ASN D 75 33.00 -7.25 -10.31
N PRO D 76 34.03 -6.37 -10.31
CA PRO D 76 35.02 -6.33 -11.38
C PRO D 76 35.90 -7.59 -11.35
N HIS D 77 36.43 -7.98 -12.50
CA HIS D 77 37.36 -9.14 -12.67
C HIS D 77 38.34 -8.85 -13.82
N VAL D 78 39.49 -8.24 -13.49
CA VAL D 78 40.52 -7.79 -14.46
C VAL D 78 41.50 -8.95 -14.73
N HIS D 79 41.58 -9.39 -15.99
CA HIS D 79 42.59 -10.38 -16.48
C HIS D 79 43.74 -9.62 -17.15
N VAL D 80 44.87 -9.48 -16.45
CA VAL D 80 46.07 -8.74 -16.93
C VAL D 80 46.89 -9.68 -17.81
N ILE D 81 47.26 -9.23 -19.02
CA ILE D 81 48.11 -9.98 -20.00
C ILE D 81 49.30 -9.10 -20.41
N GLY D 82 50.53 -9.56 -20.16
CA GLY D 82 51.77 -8.82 -20.49
C GLY D 82 51.90 -7.54 -19.67
N GLU D 83 52.54 -6.52 -20.25
CA GLU D 83 52.79 -5.21 -19.60
C GLU D 83 51.70 -4.21 -20.00
N ASP D 84 51.21 -4.28 -21.25
CA ASP D 84 50.27 -3.29 -21.85
C ASP D 84 49.07 -4.02 -22.47
N ALA D 85 48.32 -4.77 -21.66
CA ALA D 85 47.05 -5.45 -22.06
C ALA D 85 46.28 -5.89 -20.81
N ALA D 86 44.96 -5.67 -20.80
CA ALA D 86 44.05 -6.04 -19.69
C ALA D 86 42.64 -6.31 -20.24
N CYS D 87 41.87 -7.16 -19.55
CA CYS D 87 40.47 -7.54 -19.88
C CYS D 87 39.62 -7.49 -18.60
N ILE D 88 38.88 -6.39 -18.40
CA ILE D 88 37.94 -6.21 -17.24
C ILE D 88 36.55 -6.72 -17.66
N ALA D 89 35.92 -7.50 -16.77
CA ALA D 89 34.55 -8.04 -16.93
C ALA D 89 33.73 -7.67 -15.69
N TYR D 90 32.90 -6.62 -15.81
CA TYR D 90 32.18 -5.98 -14.67
C TYR D 90 30.68 -5.89 -14.99
N ILE D 91 29.88 -5.54 -13.98
CA ILE D 91 28.40 -5.31 -14.10
C ILE D 91 28.15 -3.80 -13.97
N ARG D 92 27.27 -3.26 -14.82
CA ARG D 92 26.94 -1.81 -14.91
C ARG D 92 25.54 -1.60 -14.34
N LEU D 93 25.44 -1.25 -13.05
CA LEU D 93 24.18 -0.82 -12.38
C LEU D 93 24.03 0.68 -12.56
N THR D 94 23.26 1.11 -13.55
CA THR D 94 22.98 2.53 -13.87
C THR D 94 21.69 2.97 -13.19
N GLN D 95 21.79 3.90 -12.25
CA GLN D 95 20.65 4.53 -11.53
C GLN D 95 20.29 5.83 -12.24
N TYR D 96 19.01 6.03 -12.58
CA TYR D 96 18.49 7.24 -13.27
C TYR D 96 17.06 7.52 -12.80
N ILE D 97 16.49 8.64 -13.28
CA ILE D 97 15.11 9.09 -12.96
C ILE D 97 14.33 9.21 -14.29
N ASP D 98 13.21 8.51 -14.40
CA ASP D 98 12.37 8.46 -15.64
C ASP D 98 11.62 9.79 -15.80
N GLY D 99 10.99 9.99 -16.97
CA GLY D 99 10.22 11.20 -17.31
C GLY D 99 9.10 11.46 -16.32
N GLN D 100 8.48 10.40 -15.80
CA GLN D 100 7.39 10.46 -14.79
C GLN D 100 7.92 11.04 -13.48
N GLY D 101 9.22 10.86 -13.19
CA GLY D 101 9.92 11.43 -12.03
C GLY D 101 10.36 10.37 -11.03
N ARG D 102 9.99 9.10 -11.25
CA ARG D 102 10.32 7.96 -10.36
C ARG D 102 11.74 7.47 -10.64
N PRO D 103 12.49 7.01 -9.62
CA PRO D 103 13.85 6.50 -9.83
C PRO D 103 13.85 5.05 -10.34
N ARG D 104 14.72 4.74 -11.31
CA ARG D 104 14.83 3.40 -11.95
C ARG D 104 16.31 2.95 -11.96
N THR D 105 16.55 1.65 -11.83
CA THR D 105 17.88 1.00 -11.96
C THR D 105 17.85 0.05 -13.16
N SER D 106 18.95 -0.03 -13.92
CA SER D 106 19.11 -0.90 -15.11
C SER D 106 20.47 -1.62 -15.04
N GLN D 107 20.44 -2.96 -15.12
CA GLN D 107 21.65 -3.83 -15.09
C GLN D 107 22.11 -4.10 -16.53
N SER D 108 23.42 -4.09 -16.76
CA SER D 108 24.08 -4.46 -18.05
C SER D 108 25.44 -5.09 -17.78
N GLU D 109 25.71 -6.26 -18.36
CA GLU D 109 26.98 -7.03 -18.20
C GLU D 109 27.95 -6.58 -19.28
N GLU D 110 29.11 -6.04 -18.90
CA GLU D 110 30.09 -5.41 -19.83
C GLU D 110 31.44 -6.13 -19.75
N THR D 111 32.10 -6.29 -20.90
CA THR D 111 33.50 -6.75 -21.05
C THR D 111 34.25 -5.72 -21.91
N ARG D 112 35.31 -5.11 -21.36
CA ARG D 112 36.17 -4.11 -22.06
C ARG D 112 37.61 -4.63 -22.10
N VAL D 113 38.15 -4.81 -23.31
CA VAL D 113 39.57 -5.23 -23.55
C VAL D 113 40.41 -3.96 -23.73
N TRP D 114 41.47 -3.81 -22.91
CA TRP D 114 42.30 -2.59 -22.81
C TRP D 114 43.70 -2.85 -23.36
N HIS D 115 44.34 -1.80 -23.89
CA HIS D 115 45.71 -1.80 -24.48
C HIS D 115 46.40 -0.48 -24.16
N ARG D 116 47.45 -0.50 -23.33
CA ARG D 116 48.21 0.71 -22.90
C ARG D 116 49.09 1.18 -24.06
N ARG D 117 48.79 2.38 -24.60
CA ARG D 117 49.51 3.02 -25.73
C ARG D 117 50.01 4.40 -25.29
N ASP D 118 51.31 4.64 -25.43
CA ASP D 118 52.05 5.89 -25.03
C ASP D 118 51.45 6.45 -23.72
N GLY D 119 51.43 5.64 -22.66
CA GLY D 119 51.04 6.05 -21.29
C GLY D 119 49.62 5.64 -20.95
N LYS D 120 48.62 6.34 -21.51
CA LYS D 120 47.17 6.18 -21.20
C LYS D 120 46.69 4.83 -21.76
N TRP D 121 45.65 4.27 -21.14
CA TRP D 121 44.99 2.98 -21.55
C TRP D 121 43.97 3.27 -22.65
N GLN D 122 44.06 2.52 -23.76
CA GLN D 122 43.14 2.61 -24.92
C GLN D 122 42.18 1.41 -24.92
N ASN D 123 40.91 1.63 -25.24
CA ASN D 123 39.84 0.59 -25.28
C ASN D 123 39.69 0.09 -26.72
N VAL D 124 40.05 -1.17 -26.99
CA VAL D 124 40.11 -1.78 -28.35
C VAL D 124 38.79 -2.49 -28.65
N HIS D 125 38.18 -3.16 -27.66
CA HIS D 125 36.88 -3.89 -27.78
C HIS D 125 36.02 -3.63 -26.55
N PHE D 126 34.69 -3.69 -26.71
CA PHE D 126 33.67 -3.41 -25.65
C PHE D 126 32.41 -4.24 -25.93
N HIS D 127 32.09 -5.18 -25.04
CA HIS D 127 30.86 -6.02 -25.07
C HIS D 127 29.87 -5.49 -24.03
N CYS D 128 28.56 -5.55 -24.33
CA CYS D 128 27.46 -5.09 -23.44
C CYS D 128 26.22 -5.96 -23.63
N SER D 129 25.82 -6.69 -22.58
CA SER D 129 24.55 -7.45 -22.48
C SER D 129 23.57 -6.67 -21.60
N GLY D 130 22.28 -7.02 -21.68
CA GLY D 130 21.21 -6.42 -20.85
C GLY D 130 20.70 -5.11 -21.44
N ALA D 131 20.55 -4.08 -20.60
CA ALA D 131 19.91 -2.79 -20.94
C ALA D 131 20.92 -1.85 -21.58
N PRO D 132 20.53 -1.11 -22.65
CA PRO D 132 21.43 -0.14 -23.29
C PRO D 132 21.41 1.17 -22.48
N VAL D 133 22.53 1.57 -21.88
CA VAL D 133 22.52 2.60 -20.80
C VAL D 133 23.38 3.80 -21.23
N ALA D 134 23.13 4.29 -22.44
CA ALA D 134 23.56 5.62 -22.94
C ALA D 134 22.35 6.56 -22.92
N PRO D 135 22.46 7.78 -22.34
CA PRO D 135 21.36 8.75 -22.39
C PRO D 135 20.96 9.12 -23.83
#